data_2N0Q
#
_entry.id   2N0Q
#
loop_
_entity.id
_entity.type
_entity.pdbx_description
1 polymer "DNA_(5'-D(*CP*TP*CP*(IQG)P*GP*CP*GP*CP*CP*AP*TP*C)-3')"
2 polymer "DNA_(5'-D(*GP*AP*TP*GP*GP*CP*GP*CP*CP*GP*AP*G)-3')"
#
loop_
_entity_poly.entity_id
_entity_poly.type
_entity_poly.pdbx_seq_one_letter_code
_entity_poly.pdbx_strand_id
1 'polydeoxyribonucleotide' (DC)(DT)(DC)(IQG)(DG)(DC)(DG)(DC)(DC)(DA)(DT)(DC) A
2 'polydeoxyribonucleotide' (DG)(DA)(DT)(DG)(DG)(DC)(DG)(DC)(DC)(DG)(DA)(DG) B
#